data_7RWN
#
_entry.id   7RWN
#
_cell.length_a   27.148
_cell.length_b   66.854
_cell.length_c   39.706
_cell.angle_alpha   90.000
_cell.angle_beta   105.410
_cell.angle_gamma   90.000
#
_symmetry.space_group_name_H-M   'P 1 21 1'
#
loop_
_entity.id
_entity.type
_entity.pdbx_description
1 polymer 'Nucleosome-remodeling factor subunit BPTF'
2 non-polymer 4-chloro-5-{4-[(dimethylamino)methyl]anilino}-2-methylpyridazin-3(2H)-one
3 non-polymer 1,2-ETHANEDIOL
4 water water
#
_entity_poly.entity_id   1
_entity_poly.type   'polypeptide(L)'
_entity_poly.pdbx_seq_one_letter_code
;GTENLYFQSMSTEDAMTVLTPLTEKDYEGLKRVLRSLQAHKMAWPFLEPVDPNDAPDYYGVIKEPMDLATMEERVQRRYY
EKLTEFVADMTKIFDNCRYYNPSDSPFYQCAEVLESFFVQKLKGFKASRSH
;
_entity_poly.pdbx_strand_id   A
#
loop_
_chem_comp.id
_chem_comp.type
_chem_comp.name
_chem_comp.formula
7WE non-polymer 4-chloro-5-{4-[(dimethylamino)methyl]anilino}-2-methylpyridazin-3(2H)-one 'C14 H17 Cl N4 O'
EDO non-polymer 1,2-ETHANEDIOL 'C2 H6 O2'
#
# COMPACT_ATOMS: atom_id res chain seq x y z
N GLU A 13 3.51 16.27 0.37
CA GLU A 13 2.56 16.00 -0.71
C GLU A 13 1.93 17.29 -1.20
N ASP A 14 1.53 17.29 -2.47
CA ASP A 14 0.87 18.46 -3.03
C ASP A 14 -0.50 18.64 -2.38
N ALA A 15 -1.04 19.85 -2.51
CA ALA A 15 -2.28 20.17 -1.81
C ALA A 15 -3.47 19.33 -2.28
N MET A 16 -3.55 18.98 -3.57
CA MET A 16 -4.64 18.15 -4.06
C MET A 16 -4.63 16.77 -3.38
N THR A 17 -3.44 16.21 -3.21
CA THR A 17 -3.33 14.92 -2.53
C THR A 17 -3.85 15.01 -1.11
N VAL A 18 -3.53 16.11 -0.43
CA VAL A 18 -3.90 16.26 0.97
C VAL A 18 -5.37 16.64 1.12
N LEU A 19 -5.91 17.50 0.23
CA LEU A 19 -7.17 18.19 0.51
C LEU A 19 -8.35 17.75 -0.33
N THR A 20 -8.15 17.19 -1.51
CA THR A 20 -9.27 16.98 -2.42
C THR A 20 -9.99 15.69 -2.05
N PRO A 21 -11.27 15.75 -1.71
CA PRO A 21 -11.99 14.50 -1.41
C PRO A 21 -11.94 13.52 -2.57
N LEU A 22 -11.72 12.24 -2.24
CA LEU A 22 -11.75 11.21 -3.27
C LEU A 22 -13.16 11.05 -3.82
N THR A 23 -13.27 10.99 -5.14
CA THR A 23 -14.54 10.76 -5.81
C THR A 23 -14.63 9.30 -6.25
N GLU A 24 -15.81 8.91 -6.75
CA GLU A 24 -15.94 7.60 -7.38
C GLU A 24 -14.97 7.42 -8.55
N LYS A 25 -14.80 8.46 -9.38
CA LYS A 25 -13.80 8.41 -10.43
C LYS A 25 -12.42 8.10 -9.87
N ASP A 26 -12.02 8.83 -8.83
CA ASP A 26 -10.74 8.56 -8.19
C ASP A 26 -10.64 7.10 -7.78
N TYR A 27 -11.69 6.55 -7.19
CA TYR A 27 -11.66 5.16 -6.74
C TYR A 27 -11.44 4.17 -7.86
N GLU A 28 -11.84 4.48 -9.09
CA GLU A 28 -11.53 3.56 -10.20
C GLU A 28 -10.02 3.52 -10.40
N GLY A 29 -9.37 4.67 -10.26
CA GLY A 29 -7.91 4.70 -10.36
C GLY A 29 -7.22 4.05 -9.19
N LEU A 30 -7.75 4.20 -7.97
CA LEU A 30 -7.13 3.55 -6.81
C LEU A 30 -7.23 2.05 -6.94
N LYS A 31 -8.34 1.55 -7.46
CA LYS A 31 -8.50 0.11 -7.63
C LYS A 31 -7.48 -0.39 -8.64
N ARG A 32 -7.27 0.38 -9.71
N ARG A 32 -7.25 0.38 -9.71
CA ARG A 32 -6.29 -0.04 -10.72
CA ARG A 32 -6.30 -0.04 -10.73
C ARG A 32 -4.89 -0.11 -10.12
C ARG A 32 -4.88 -0.10 -10.14
N VAL A 33 -4.51 0.89 -9.32
CA VAL A 33 -3.20 0.86 -8.67
C VAL A 33 -3.08 -0.36 -7.76
N LEU A 34 -4.07 -0.60 -6.92
CA LEU A 34 -4.03 -1.73 -6.03
C LEU A 34 -3.90 -3.04 -6.81
N ARG A 35 -4.69 -3.23 -7.87
CA ARG A 35 -4.62 -4.47 -8.63
C ARG A 35 -3.24 -4.62 -9.27
N SER A 36 -2.62 -3.53 -9.71
CA SER A 36 -1.28 -3.67 -10.30
C SER A 36 -0.26 -4.11 -9.24
N LEU A 37 -0.39 -3.64 -8.00
CA LEU A 37 0.50 -4.13 -6.96
C LEU A 37 0.22 -5.60 -6.66
N GLN A 38 -1.04 -5.98 -6.56
CA GLN A 38 -1.36 -7.35 -6.22
C GLN A 38 -0.86 -8.33 -7.28
N ALA A 39 -0.74 -7.89 -8.52
CA ALA A 39 -0.27 -8.75 -9.61
C ALA A 39 1.25 -8.79 -9.75
N HIS A 40 1.98 -7.94 -9.04
CA HIS A 40 3.42 -7.85 -9.23
C HIS A 40 4.09 -9.07 -8.59
N LYS A 41 5.08 -9.61 -9.29
CA LYS A 41 5.76 -10.81 -8.80
C LYS A 41 6.31 -10.63 -7.39
N MET A 42 6.72 -9.44 -7.04
CA MET A 42 7.40 -9.22 -5.77
C MET A 42 6.42 -8.79 -4.67
N ALA A 43 5.09 -8.83 -4.95
CA ALA A 43 4.12 -8.52 -3.91
C ALA A 43 3.72 -9.73 -3.10
N TRP A 44 4.29 -10.89 -3.39
CA TRP A 44 3.89 -12.11 -2.69
C TRP A 44 3.87 -12.04 -1.15
N PRO A 45 4.76 -11.30 -0.47
CA PRO A 45 4.71 -11.29 1.01
C PRO A 45 3.64 -10.39 1.55
N PHE A 46 2.98 -9.60 0.68
CA PHE A 46 2.09 -8.54 1.15
C PHE A 46 0.64 -8.74 0.79
N LEU A 47 0.28 -9.86 0.17
CA LEU A 47 -1.07 -10.09 -0.31
C LEU A 47 -2.05 -10.28 0.83
N GLU A 48 -1.62 -10.85 1.94
CA GLU A 48 -2.48 -11.17 3.06
C GLU A 48 -1.71 -10.81 4.33
N PRO A 49 -2.39 -10.72 5.46
CA PRO A 49 -1.74 -10.39 6.72
C PRO A 49 -0.59 -11.36 7.04
N VAL A 50 0.42 -10.82 7.71
CA VAL A 50 1.50 -11.66 8.23
C VAL A 50 0.94 -12.71 9.17
N ASP A 51 1.35 -13.96 8.97
CA ASP A 51 0.94 -15.04 9.85
C ASP A 51 1.80 -14.98 11.10
N PRO A 52 1.21 -14.83 12.29
CA PRO A 52 2.04 -14.79 13.50
C PRO A 52 2.87 -16.03 13.70
N ASN A 53 2.40 -17.17 13.24
CA ASN A 53 3.21 -18.38 13.48
C ASN A 53 4.47 -18.36 12.64
N ASP A 54 4.54 -17.53 11.61
CA ASP A 54 5.74 -17.38 10.79
C ASP A 54 6.70 -16.33 11.31
N ALA A 55 6.29 -15.57 12.34
CA ALA A 55 7.04 -14.41 12.82
C ALA A 55 6.58 -14.14 14.25
N PRO A 56 7.05 -14.91 15.24
CA PRO A 56 6.30 -14.98 16.52
C PRO A 56 6.18 -13.68 17.32
N ASP A 57 7.11 -12.72 17.20
CA ASP A 57 7.03 -11.46 17.92
C ASP A 57 6.47 -10.32 17.05
N TYR A 58 6.09 -10.63 15.82
CA TYR A 58 5.66 -9.60 14.87
C TYR A 58 4.55 -8.73 15.42
N TYR A 59 3.48 -9.36 15.95
CA TYR A 59 2.35 -8.54 16.36
C TYR A 59 2.54 -7.88 17.71
N GLY A 60 3.62 -8.21 18.44
CA GLY A 60 4.03 -7.42 19.59
C GLY A 60 4.87 -6.22 19.22
N VAL A 61 5.51 -6.26 18.06
CA VAL A 61 6.43 -5.23 17.61
C VAL A 61 5.78 -4.24 16.66
N ILE A 62 4.99 -4.76 15.71
CA ILE A 62 4.41 -3.94 14.66
C ILE A 62 3.02 -3.52 15.14
N LYS A 63 2.88 -2.24 15.50
CA LYS A 63 1.66 -1.78 16.14
C LYS A 63 0.52 -1.55 15.16
N GLU A 64 0.82 -1.29 13.88
CA GLU A 64 -0.22 -1.02 12.88
C GLU A 64 0.07 -1.86 11.66
N PRO A 65 -0.20 -3.16 11.72
CA PRO A 65 -0.01 -4.01 10.54
C PRO A 65 -0.89 -3.57 9.38
N MET A 66 -0.43 -3.87 8.17
CA MET A 66 -1.21 -3.59 6.97
C MET A 66 -0.82 -4.60 5.90
N ASP A 67 -1.73 -4.85 4.97
CA ASP A 67 -1.51 -5.77 3.87
C ASP A 67 -2.47 -5.39 2.74
N LEU A 68 -2.22 -5.96 1.57
CA LEU A 68 -2.98 -5.54 0.39
C LEU A 68 -4.42 -6.02 0.43
N ALA A 69 -4.72 -7.13 1.09
CA ALA A 69 -6.10 -7.59 1.19
C ALA A 69 -6.93 -6.65 2.08
N THR A 70 -6.31 -6.16 3.16
CA THR A 70 -6.97 -5.16 3.99
C THR A 70 -7.18 -3.87 3.20
N MET A 71 -6.21 -3.45 2.40
CA MET A 71 -6.43 -2.27 1.56
C MET A 71 -7.50 -2.52 0.50
N GLU A 72 -7.59 -3.73 -0.04
CA GLU A 72 -8.65 -4.01 -1.00
C GLU A 72 -10.03 -3.84 -0.36
N GLU A 73 -10.20 -4.35 0.87
CA GLU A 73 -11.46 -4.20 1.58
C GLU A 73 -11.75 -2.74 1.82
N ARG A 74 -10.73 -1.97 2.23
CA ARG A 74 -10.97 -0.57 2.52
C ARG A 74 -11.31 0.20 1.26
N VAL A 75 -10.71 -0.15 0.12
CA VAL A 75 -11.06 0.50 -1.13
C VAL A 75 -12.50 0.18 -1.50
N GLN A 76 -12.91 -1.08 -1.40
CA GLN A 76 -14.29 -1.43 -1.70
C GLN A 76 -15.27 -0.69 -0.79
N ARG A 77 -14.93 -0.49 0.46
CA ARG A 77 -15.84 0.12 1.42
C ARG A 77 -15.73 1.64 1.43
N ARG A 78 -14.93 2.19 0.53
CA ARG A 78 -14.76 3.66 0.44
C ARG A 78 -14.29 4.23 1.77
N TYR A 79 -13.34 3.52 2.39
CA TYR A 79 -12.79 3.93 3.67
C TYR A 79 -12.02 5.23 3.55
N TYR A 80 -11.31 5.41 2.43
CA TYR A 80 -10.42 6.55 2.28
C TYR A 80 -11.21 7.77 1.84
N GLU A 81 -10.94 8.89 2.50
CA GLU A 81 -11.51 10.17 2.09
C GLU A 81 -10.54 11.04 1.33
N LYS A 82 -9.23 10.86 1.54
CA LYS A 82 -8.22 11.67 0.88
C LYS A 82 -7.11 10.74 0.40
N LEU A 83 -6.49 11.09 -0.73
CA LEU A 83 -5.42 10.27 -1.27
C LEU A 83 -4.29 10.04 -0.26
N THR A 84 -3.99 11.05 0.56
CA THR A 84 -2.97 10.92 1.58
C THR A 84 -3.20 9.69 2.45
N GLU A 85 -4.46 9.40 2.81
CA GLU A 85 -4.76 8.27 3.70
C GLU A 85 -4.50 6.94 3.00
N PHE A 86 -4.85 6.86 1.72
CA PHE A 86 -4.55 5.65 0.95
C PHE A 86 -3.03 5.45 0.87
N VAL A 87 -2.29 6.50 0.54
CA VAL A 87 -0.83 6.41 0.49
C VAL A 87 -0.26 6.02 1.83
N ALA A 88 -0.82 6.53 2.94
CA ALA A 88 -0.29 6.19 4.27
C ALA A 88 -0.49 4.71 4.58
N ASP A 89 -1.63 4.12 4.22
CA ASP A 89 -1.80 2.68 4.47
C ASP A 89 -0.82 1.88 3.62
N MET A 90 -0.68 2.22 2.33
CA MET A 90 0.30 1.53 1.50
C MET A 90 1.68 1.62 2.10
N THR A 91 2.05 2.81 2.55
CA THR A 91 3.40 3.02 3.02
C THR A 91 3.64 2.20 4.28
N LYS A 92 2.60 1.98 5.10
CA LYS A 92 2.72 1.12 6.28
C LYS A 92 3.19 -0.27 5.88
N ILE A 93 2.66 -0.82 4.78
CA ILE A 93 3.07 -2.16 4.39
C ILE A 93 4.59 -2.21 4.27
N PHE A 94 5.16 -1.25 3.56
CA PHE A 94 6.60 -1.25 3.28
C PHE A 94 7.40 -0.89 4.52
N ASP A 95 6.95 0.12 5.28
CA ASP A 95 7.70 0.54 6.46
C ASP A 95 7.69 -0.52 7.54
N ASN A 96 6.57 -1.18 7.75
CA ASN A 96 6.51 -2.29 8.70
C ASN A 96 7.51 -3.36 8.31
N CYS A 97 7.56 -3.67 7.01
CA CYS A 97 8.44 -4.76 6.54
C CYS A 97 9.89 -4.40 6.78
N ARG A 98 10.28 -3.16 6.49
CA ARG A 98 11.67 -2.76 6.69
C ARG A 98 12.00 -2.55 8.15
N TYR A 99 11.01 -2.30 9.00
CA TYR A 99 11.25 -2.13 10.43
C TYR A 99 11.54 -3.46 11.08
N TYR A 100 10.82 -4.49 10.68
CA TYR A 100 10.91 -5.81 11.32
C TYR A 100 12.02 -6.66 10.76
N ASN A 101 12.33 -6.56 9.47
CA ASN A 101 13.22 -7.53 8.82
C ASN A 101 14.58 -6.92 8.56
N PRO A 102 15.64 -7.73 8.53
CA PRO A 102 16.95 -7.18 8.19
C PRO A 102 17.03 -6.86 6.71
N SER A 103 18.00 -6.02 6.36
CA SER A 103 18.07 -5.52 5.00
C SER A 103 18.38 -6.60 3.97
N ASP A 104 18.97 -7.75 4.36
CA ASP A 104 19.21 -8.83 3.41
C ASP A 104 18.07 -9.85 3.34
N SER A 105 16.96 -9.60 4.01
CA SER A 105 15.83 -10.53 3.95
C SER A 105 15.15 -10.40 2.59
N PRO A 106 14.69 -11.50 2.02
CA PRO A 106 13.81 -11.43 0.84
C PRO A 106 12.61 -10.53 1.07
N PHE A 107 12.06 -10.46 2.28
CA PHE A 107 10.89 -9.60 2.49
C PHE A 107 11.28 -8.14 2.31
N TYR A 108 12.37 -7.72 2.95
CA TYR A 108 12.87 -6.36 2.83
C TYR A 108 13.11 -6.00 1.36
N GLN A 109 13.71 -6.91 0.60
CA GLN A 109 13.97 -6.62 -0.81
C GLN A 109 12.67 -6.48 -1.59
N CYS A 110 11.64 -7.28 -1.26
CA CYS A 110 10.33 -7.10 -1.89
C CYS A 110 9.78 -5.72 -1.58
N ALA A 111 9.93 -5.25 -0.34
CA ALA A 111 9.40 -3.92 0.00
C ALA A 111 10.10 -2.85 -0.82
N GLU A 112 11.42 -2.97 -1.00
CA GLU A 112 12.15 -1.94 -1.75
C GLU A 112 11.68 -1.88 -3.20
N VAL A 113 11.55 -3.03 -3.86
CA VAL A 113 11.15 -2.99 -5.26
C VAL A 113 9.67 -2.61 -5.37
N LEU A 114 8.81 -3.16 -4.51
CA LEU A 114 7.39 -2.88 -4.68
C LEU A 114 7.07 -1.45 -4.32
N GLU A 115 7.77 -0.86 -3.36
CA GLU A 115 7.49 0.55 -3.08
C GLU A 115 7.86 1.42 -4.28
N SER A 116 8.99 1.12 -4.95
CA SER A 116 9.34 1.90 -6.15
C SER A 116 8.25 1.78 -7.21
N PHE A 117 7.72 0.58 -7.39
CA PHE A 117 6.63 0.36 -8.35
C PHE A 117 5.40 1.14 -7.93
N PHE A 118 5.05 1.10 -6.66
CA PHE A 118 3.92 1.88 -6.17
C PHE A 118 4.13 3.36 -6.46
N VAL A 119 5.31 3.89 -6.22
CA VAL A 119 5.54 5.32 -6.46
C VAL A 119 5.36 5.64 -7.93
N GLN A 120 5.84 4.78 -8.83
CA GLN A 120 5.62 5.01 -10.26
C GLN A 120 4.12 5.06 -10.56
N LYS A 121 3.37 4.08 -10.05
CA LYS A 121 1.93 4.05 -10.32
C LYS A 121 1.21 5.22 -9.66
N LEU A 122 1.63 5.59 -8.46
CA LEU A 122 1.00 6.70 -7.74
C LEU A 122 1.21 8.01 -8.50
N LYS A 123 2.41 8.25 -9.01
CA LYS A 123 2.62 9.43 -9.83
C LYS A 123 1.75 9.43 -11.05
N GLY A 124 1.56 8.27 -11.67
CA GLY A 124 0.64 8.19 -12.79
C GLY A 124 -0.77 8.55 -12.36
N PHE A 125 -1.22 8.03 -11.22
CA PHE A 125 -2.56 8.34 -10.76
C PHE A 125 -2.70 9.82 -10.50
N LYS A 126 -1.73 10.43 -9.84
CA LYS A 126 -1.84 11.86 -9.53
C LYS A 126 -1.89 12.69 -10.81
N ALA A 127 -1.12 12.31 -11.85
CA ALA A 127 -1.11 13.09 -13.08
C ALA A 127 -2.45 13.02 -13.77
N SER A 128 -3.10 11.85 -13.74
CA SER A 128 -4.35 11.65 -14.47
C SER A 128 -5.54 12.19 -13.68
N ARG A 129 -5.36 12.54 -12.41
CA ARG A 129 -6.47 13.00 -11.60
C ARG A 129 -7.20 14.17 -12.24
N SER A 130 -6.46 15.09 -12.90
CA SER A 130 -7.05 16.29 -13.50
C SER A 130 -7.69 16.04 -14.85
N HIS A 131 -7.59 14.84 -15.39
CA HIS A 131 -8.11 14.59 -16.73
C HIS A 131 -8.59 13.16 -16.87
C10 7WE B . 2.57 -15.33 3.66
C11 7WE B . 1.72 -16.58 3.38
C13 7WE B . 0.56 -18.10 4.86
C14 7WE B . 2.94 -18.37 4.51
C15 7WE B . 1.94 -14.15 4.09
C16 7WE B . 2.71 -13.03 4.35
C17 7WE B . 6.06 -12.86 6.52
C20 7WE B . 8.24 -11.13 8.94
C02 7WE B . 7.11 -10.37 6.97
C03 7WE B . 6.29 -10.57 5.85
C05 7WE B . 5.76 -11.82 5.65
C07 7WE B . 4.10 -13.14 4.23
C08 7WE B . 4.73 -14.30 3.85
C09 7WE B . 3.97 -15.41 3.53
N06 7WE B . 4.90 -11.98 4.51
N12 7WE B . 1.81 -17.44 4.58
N18 7WE B . 6.85 -12.57 7.54
N19 7WE B . 7.36 -11.36 7.77
O01 7WE B . 7.59 -9.12 7.23
CL04 7WE B . 5.92 -9.25 4.77
C1 EDO C . 6.39 -0.42 15.07
O1 EDO C . 4.96 -0.27 15.22
C2 EDO C . 6.81 -0.12 13.64
O2 EDO C . 6.57 1.26 13.30
#